data_3OPW
#
_entry.id   3OPW
#
_cell.length_a   108.258
_cell.length_b   108.258
_cell.length_c   146.055
_cell.angle_alpha   90.000
_cell.angle_beta   90.000
_cell.angle_gamma   120.000
#
_symmetry.space_group_name_H-M   'P 64'
#
loop_
_entity.id
_entity.type
_entity.pdbx_description
1 polymer 'DNA damage-responsive transcriptional repressor RPH1'
2 water water
#
_entity_poly.entity_id   1
_entity_poly.type   'polypeptide(L)'
_entity_poly.pdbx_seq_one_letter_code
;MTKLIAPSEIVGGVPVFKPTYEQFEDFYAYCKAINKYGMKSGVVKVIPPKEWKDKLDLPYSAETLQKIKIKSPIQQHISG
NKGLFMVQNVEKNKTYNIIQWKDLSKDYVPPEDPKARRNSRKGSVSKSTKLKLKNFESSFNIDDFEQFRTEYTIDLSDFQ
NTERLKFLEEYYWKTLNFTTPMYGADTPGSIFPEGLNVWNVAKLPNILDHMETKVPGVNDSYLYAGLWKASFSWHLEDQD
LYSINYIHFGAPKQWYSIPQEDRFKFYKFMQEQFPEEAKNCPEFLRHKMFLASPKLLQENGIRCNEIVHHEGEFMITYPY
GYHAGFNYGYNLAESVNFALEEWLPIGKKAGKCHCISDSVEIDVKKLAKSWRD
;
_entity_poly.pdbx_strand_id   A
#
# COMPACT_ATOMS: atom_id res chain seq x y z
N ALA A 6 9.01 22.24 -7.63
CA ALA A 6 9.68 21.04 -8.13
C ALA A 6 8.87 20.39 -9.25
N PRO A 7 9.57 19.88 -10.27
CA PRO A 7 8.95 19.26 -11.45
C PRO A 7 8.69 17.78 -11.27
N SER A 8 7.70 17.26 -12.00
CA SER A 8 7.43 15.82 -12.02
C SER A 8 8.34 15.15 -13.03
N GLU A 9 8.99 14.07 -12.62
CA GLU A 9 9.94 13.38 -13.48
C GLU A 9 9.23 12.64 -14.61
N ILE A 10 8.28 11.77 -14.25
CA ILE A 10 7.54 10.98 -15.23
C ILE A 10 6.06 10.92 -14.88
N VAL A 11 5.34 10.02 -15.52
CA VAL A 11 3.93 9.80 -15.26
C VAL A 11 3.47 8.41 -15.69
N GLY A 12 2.82 7.70 -14.78
CA GLY A 12 2.14 6.46 -15.11
C GLY A 12 0.66 6.70 -14.92
N GLY A 13 0.21 7.86 -15.38
CA GLY A 13 -1.10 8.37 -15.03
C GLY A 13 -0.96 9.05 -13.69
N VAL A 14 0.06 8.63 -12.94
CA VAL A 14 0.38 9.18 -11.64
C VAL A 14 1.73 9.87 -11.68
N PRO A 15 1.82 11.08 -11.11
CA PRO A 15 3.07 11.84 -11.06
C PRO A 15 4.16 11.08 -10.32
N VAL A 16 5.37 11.08 -10.87
CA VAL A 16 6.49 10.39 -10.24
C VAL A 16 7.63 11.36 -9.98
N PHE A 17 8.00 11.51 -8.71
CA PHE A 17 9.03 12.48 -8.35
C PHE A 17 10.32 11.82 -7.86
N LYS A 18 11.43 12.28 -8.43
CA LYS A 18 12.75 11.78 -8.08
C LYS A 18 13.60 12.93 -7.57
N PRO A 19 13.27 13.42 -6.36
CA PRO A 19 13.96 14.58 -5.78
C PRO A 19 15.39 14.25 -5.37
N THR A 20 16.26 15.25 -5.40
CA THR A 20 17.62 15.10 -4.92
C THR A 20 17.65 15.36 -3.42
N TYR A 21 18.56 14.71 -2.71
CA TYR A 21 18.66 14.85 -1.27
C TYR A 21 18.58 16.31 -0.84
N GLU A 22 19.09 17.20 -1.68
CA GLU A 22 19.06 18.63 -1.41
C GLU A 22 17.64 19.08 -1.07
N GLN A 23 16.73 18.98 -2.03
CA GLN A 23 15.34 19.38 -1.85
C GLN A 23 14.56 18.36 -1.04
N PHE A 24 14.89 17.08 -1.24
CA PHE A 24 14.30 15.96 -0.52
C PHE A 24 14.47 16.18 0.98
N GLU A 25 15.47 16.96 1.36
CA GLU A 25 15.80 17.14 2.77
C GLU A 25 14.58 17.61 3.56
N ASP A 26 13.98 18.71 3.12
CA ASP A 26 12.80 19.24 3.79
C ASP A 26 11.55 18.49 3.32
N PHE A 27 10.99 17.66 4.21
CA PHE A 27 9.80 16.89 3.87
C PHE A 27 8.57 17.77 3.77
N TYR A 28 8.40 18.65 4.76
CA TYR A 28 7.27 19.58 4.77
C TYR A 28 7.37 20.63 3.65
N ALA A 29 8.54 21.23 3.48
CA ALA A 29 8.73 22.23 2.44
C ALA A 29 8.63 21.60 1.06
N TYR A 30 9.02 20.34 0.95
CA TYR A 30 8.93 19.64 -0.33
C TYR A 30 7.49 19.29 -0.65
N CYS A 31 6.76 18.78 0.33
CA CYS A 31 5.35 18.44 0.16
C CYS A 31 4.51 19.67 -0.14
N LYS A 32 4.83 20.78 0.53
CA LYS A 32 4.12 22.04 0.33
C LYS A 32 4.50 22.69 -0.99
N ALA A 33 5.60 22.23 -1.58
CA ALA A 33 6.08 22.79 -2.84
C ALA A 33 5.66 21.93 -4.03
N ILE A 34 4.80 20.95 -3.79
CA ILE A 34 4.44 19.97 -4.82
C ILE A 34 3.10 19.33 -4.47
N ASN A 35 2.21 20.14 -3.89
CA ASN A 35 0.89 19.65 -3.51
C ASN A 35 -0.13 19.83 -4.61
N LYS A 36 0.17 20.72 -5.56
CA LYS A 36 -0.73 21.01 -6.66
C LYS A 36 -0.89 19.81 -7.60
N TYR A 37 0.05 18.89 -7.54
CA TYR A 37 -0.01 17.68 -8.36
C TYR A 37 -0.85 16.59 -7.70
N GLY A 38 -0.68 16.45 -6.39
CA GLY A 38 -1.40 15.43 -5.65
C GLY A 38 -2.88 15.73 -5.50
N MET A 39 -3.24 17.00 -5.69
CA MET A 39 -4.64 17.39 -5.60
C MET A 39 -5.36 17.23 -6.94
N LYS A 40 -4.62 16.76 -7.94
CA LYS A 40 -5.20 16.45 -9.24
C LYS A 40 -5.33 14.94 -9.38
N SER A 41 -4.21 14.24 -9.30
CA SER A 41 -4.21 12.79 -9.27
C SER A 41 -4.36 12.33 -7.84
N GLY A 42 -5.06 11.21 -7.64
CA GLY A 42 -5.31 10.69 -6.31
C GLY A 42 -4.06 10.60 -5.44
N VAL A 43 -2.97 10.12 -6.03
CA VAL A 43 -1.73 9.92 -5.29
C VAL A 43 -0.51 10.33 -6.11
N VAL A 44 0.65 10.38 -5.44
CA VAL A 44 1.90 10.73 -6.09
C VAL A 44 3.04 9.87 -5.55
N LYS A 45 3.87 9.34 -6.44
CA LYS A 45 5.02 8.54 -6.02
C LYS A 45 6.24 9.42 -5.82
N VAL A 46 7.05 9.08 -4.83
CA VAL A 46 8.28 9.82 -4.54
C VAL A 46 9.45 8.88 -4.28
N ILE A 47 10.34 8.77 -5.25
CA ILE A 47 11.54 7.95 -5.09
C ILE A 47 12.62 8.74 -4.38
N PRO A 48 13.09 8.23 -3.24
CA PRO A 48 14.15 8.89 -2.48
C PRO A 48 15.50 8.74 -3.17
N PRO A 49 16.39 9.72 -3.02
CA PRO A 49 17.71 9.71 -3.66
C PRO A 49 18.65 8.69 -3.05
N LYS A 50 19.72 8.36 -3.78
CA LYS A 50 20.68 7.35 -3.37
C LYS A 50 21.32 7.69 -2.02
N GLU A 51 21.76 8.93 -1.87
CA GLU A 51 22.41 9.39 -0.64
C GLU A 51 21.47 9.32 0.56
N TRP A 52 20.22 8.96 0.31
CA TRP A 52 19.24 8.75 1.37
C TRP A 52 19.14 7.28 1.72
N LYS A 53 19.03 6.44 0.69
CA LYS A 53 18.91 5.00 0.86
C LYS A 53 20.13 4.43 1.58
N ASP A 54 21.24 5.17 1.52
CA ASP A 54 22.45 4.76 2.21
C ASP A 54 22.33 4.95 3.72
N LYS A 55 21.51 5.91 4.12
CA LYS A 55 21.30 6.20 5.53
C LYS A 55 20.62 5.05 6.24
N LEU A 56 20.10 4.11 5.46
CA LEU A 56 19.41 2.93 6.00
C LEU A 56 20.41 1.87 6.42
N ASP A 57 20.01 1.02 7.37
CA ASP A 57 20.86 -0.06 7.85
C ASP A 57 20.34 -1.42 7.40
N LEU A 58 20.84 -1.90 6.26
CA LEU A 58 20.44 -3.21 5.76
C LEU A 58 21.62 -4.17 5.76
N PRO A 59 21.38 -5.42 6.19
CA PRO A 59 20.09 -5.89 6.70
C PRO A 59 19.80 -5.34 8.11
N TYR A 60 18.54 -5.39 8.51
CA TYR A 60 18.13 -4.91 9.83
C TYR A 60 18.73 -5.80 10.91
N SER A 61 19.03 -5.21 12.06
CA SER A 61 19.59 -5.97 13.18
C SER A 61 18.61 -7.03 13.67
N ALA A 62 19.13 -8.04 14.35
CA ALA A 62 18.30 -9.14 14.85
C ALA A 62 17.16 -8.63 15.72
N GLU A 63 17.43 -7.57 16.48
CA GLU A 63 16.41 -6.98 17.35
C GLU A 63 15.32 -6.29 16.53
N THR A 64 15.73 -5.55 15.52
CA THR A 64 14.78 -4.86 14.65
C THR A 64 13.76 -5.85 14.07
N LEU A 65 14.26 -7.01 13.65
CA LEU A 65 13.39 -8.06 13.12
C LEU A 65 12.54 -8.68 14.22
N GLN A 66 13.14 -8.89 15.37
CA GLN A 66 12.45 -9.50 16.51
C GLN A 66 11.31 -8.61 16.99
N LYS A 67 11.48 -7.30 16.85
CA LYS A 67 10.48 -6.34 17.29
C LYS A 67 9.19 -6.48 16.48
N ILE A 68 9.33 -6.80 15.20
CA ILE A 68 8.18 -6.97 14.32
C ILE A 68 7.16 -7.96 14.88
N LYS A 69 5.93 -7.51 15.02
CA LYS A 69 4.86 -8.36 15.53
C LYS A 69 3.56 -8.13 14.78
N ILE A 70 3.13 -9.13 14.02
CA ILE A 70 1.89 -9.05 13.28
C ILE A 70 0.69 -9.29 14.20
N LYS A 71 0.17 -8.21 14.76
CA LYS A 71 -1.00 -8.29 15.64
C LYS A 71 -2.29 -8.35 14.85
N SER A 72 -3.13 -9.32 15.17
CA SER A 72 -4.43 -9.49 14.53
C SER A 72 -4.36 -9.40 13.01
N PRO A 73 -3.98 -10.50 12.35
CA PRO A 73 -4.02 -10.61 10.90
C PRO A 73 -5.47 -10.62 10.41
N ILE A 74 -5.71 -10.19 9.18
CA ILE A 74 -7.06 -10.13 8.62
C ILE A 74 -7.13 -10.97 7.35
N GLN A 75 -8.11 -11.87 7.28
CA GLN A 75 -8.40 -12.60 6.05
C GLN A 75 -9.57 -11.94 5.36
N GLN A 76 -9.55 -11.91 4.03
CA GLN A 76 -10.62 -11.24 3.30
C GLN A 76 -11.47 -12.18 2.46
N HIS A 77 -12.78 -12.18 2.73
CA HIS A 77 -13.73 -12.92 1.94
C HIS A 77 -14.38 -11.95 0.97
N ILE A 78 -14.07 -12.09 -0.32
CA ILE A 78 -14.58 -11.17 -1.32
C ILE A 78 -15.59 -11.86 -2.22
N SER A 79 -16.62 -11.13 -2.61
CA SER A 79 -17.66 -11.66 -3.49
C SER A 79 -18.19 -10.58 -4.43
N GLY A 80 -18.47 -10.99 -5.66
CA GLY A 80 -18.96 -10.06 -6.68
C GLY A 80 -18.72 -10.61 -8.07
N ASN A 81 -19.64 -10.34 -8.98
CA ASN A 81 -19.55 -10.85 -10.34
C ASN A 81 -18.22 -10.52 -11.02
N LYS A 82 -18.12 -9.29 -11.53
CA LYS A 82 -16.90 -8.85 -12.19
C LYS A 82 -16.82 -7.34 -12.22
N GLY A 83 -15.69 -6.80 -11.80
CA GLY A 83 -15.53 -5.36 -11.66
C GLY A 83 -15.91 -4.92 -10.26
N LEU A 84 -17.12 -5.27 -9.84
CA LEU A 84 -17.58 -4.96 -8.49
C LEU A 84 -17.36 -6.13 -7.53
N PHE A 85 -16.82 -5.82 -6.36
CA PHE A 85 -16.66 -6.81 -5.30
C PHE A 85 -16.80 -6.10 -3.96
N MET A 86 -17.28 -6.82 -2.95
CA MET A 86 -17.26 -6.30 -1.59
C MET A 86 -16.59 -7.31 -0.67
N VAL A 87 -15.62 -6.82 0.10
CA VAL A 87 -14.80 -7.68 0.94
C VAL A 87 -15.28 -7.72 2.40
N GLN A 88 -15.27 -8.91 2.97
CA GLN A 88 -15.68 -9.12 4.36
C GLN A 88 -14.49 -9.56 5.21
N ASN A 89 -13.59 -8.64 5.51
CA ASN A 89 -12.47 -8.89 6.39
C ASN A 89 -12.82 -9.84 7.56
N VAL A 90 -11.96 -10.83 7.82
CA VAL A 90 -12.16 -11.84 8.86
C VAL A 90 -11.38 -11.48 10.13
N GLU A 91 -11.54 -12.27 11.19
CA GLU A 91 -10.65 -12.18 12.34
C GLU A 91 -9.55 -13.25 12.51
N LYS A 92 -8.38 -12.78 12.89
CA LYS A 92 -7.25 -13.64 13.20
C LYS A 92 -6.79 -13.42 14.64
N ASN A 93 -7.26 -14.28 15.53
CA ASN A 93 -6.92 -14.22 16.94
C ASN A 93 -5.44 -14.54 17.17
N LYS A 94 -4.86 -15.29 16.24
CA LYS A 94 -3.44 -15.65 16.31
C LYS A 94 -2.57 -14.44 15.99
N THR A 95 -1.28 -14.54 16.29
CA THR A 95 -0.32 -13.49 16.00
C THR A 95 0.99 -14.07 15.46
N TYR A 96 1.62 -13.34 14.55
CA TYR A 96 2.82 -13.85 13.89
C TYR A 96 4.00 -12.89 14.00
N ASN A 97 5.20 -13.44 13.89
CA ASN A 97 6.41 -12.62 13.74
C ASN A 97 6.88 -12.71 12.30
N ILE A 98 7.83 -11.85 11.93
CA ILE A 98 8.27 -11.77 10.54
C ILE A 98 8.66 -13.13 9.96
N ILE A 99 9.39 -13.92 10.74
CA ILE A 99 9.85 -15.23 10.29
C ILE A 99 8.65 -16.13 9.97
N GLN A 100 7.61 -16.05 10.80
CA GLN A 100 6.40 -16.83 10.60
C GLN A 100 5.63 -16.34 9.38
N TRP A 101 5.68 -15.04 9.13
CA TRP A 101 4.96 -14.45 8.00
C TRP A 101 5.64 -14.80 6.69
N LYS A 102 6.96 -14.68 6.65
CA LYS A 102 7.74 -15.06 5.47
C LYS A 102 7.45 -16.52 5.12
N ASP A 103 7.19 -17.32 6.14
CA ASP A 103 6.87 -18.72 5.94
C ASP A 103 5.42 -18.89 5.51
N LEU A 104 4.54 -18.06 6.07
CA LEU A 104 3.12 -18.10 5.73
C LEU A 104 2.89 -17.75 4.27
N SER A 105 3.77 -16.93 3.71
CA SER A 105 3.64 -16.49 2.33
C SER A 105 3.83 -17.65 1.35
N LYS A 106 4.18 -18.82 1.88
CA LYS A 106 4.39 -20.00 1.04
C LYS A 106 3.08 -20.69 0.70
N ASP A 107 2.00 -20.24 1.34
CA ASP A 107 0.67 -20.73 1.00
C ASP A 107 0.02 -19.81 -0.02
N TYR A 108 0.15 -18.50 0.21
CA TYR A 108 -0.39 -17.51 -0.69
C TYR A 108 0.62 -17.18 -1.78
N VAL A 109 0.86 -18.15 -2.67
CA VAL A 109 1.83 -17.98 -3.75
C VAL A 109 1.15 -17.67 -5.07
N PRO A 110 1.69 -16.70 -5.82
CA PRO A 110 1.15 -16.30 -7.12
C PRO A 110 1.39 -17.35 -8.19
N PRO A 111 0.55 -17.38 -9.23
CA PRO A 111 0.69 -18.28 -10.36
C PRO A 111 1.98 -18.03 -11.13
N GLU A 112 2.27 -18.90 -12.10
CA GLU A 112 3.46 -18.78 -12.93
C GLU A 112 3.07 -18.76 -14.40
N ASP A 113 4.06 -18.71 -15.29
CA ASP A 113 3.87 -18.69 -16.74
C ASP A 113 3.90 -17.28 -17.32
N SER A 138 6.46 -23.49 17.83
CA SER A 138 7.79 -23.43 18.44
C SER A 138 8.06 -22.07 19.03
N SER A 139 8.94 -22.03 20.03
CA SER A 139 9.37 -20.76 20.62
C SER A 139 10.57 -20.23 19.83
N PHE A 140 10.73 -18.91 19.80
CA PHE A 140 11.78 -18.31 19.00
C PHE A 140 12.86 -17.63 19.85
N ASN A 141 14.10 -17.74 19.40
CA ASN A 141 15.24 -17.17 20.10
C ASN A 141 15.85 -16.00 19.35
N ILE A 142 16.64 -15.19 20.05
CA ILE A 142 17.28 -14.03 19.44
C ILE A 142 18.23 -14.46 18.33
N ASP A 143 18.65 -15.73 18.36
CA ASP A 143 19.53 -16.27 17.34
C ASP A 143 18.76 -16.55 16.04
N ASP A 144 17.50 -16.94 16.19
CA ASP A 144 16.66 -17.25 15.04
C ASP A 144 16.55 -16.07 14.09
N PHE A 145 16.48 -14.87 14.65
CA PHE A 145 16.36 -13.65 13.85
C PHE A 145 17.69 -13.27 13.20
N GLU A 146 18.77 -13.40 13.95
CA GLU A 146 20.11 -13.11 13.42
C GLU A 146 20.38 -14.00 12.21
N GLN A 147 19.82 -15.21 12.24
CA GLN A 147 19.91 -16.13 11.12
C GLN A 147 19.05 -15.59 9.97
N PHE A 148 17.85 -15.16 10.33
CA PHE A 148 16.85 -14.72 9.36
C PHE A 148 17.27 -13.46 8.59
N ARG A 149 18.41 -12.89 8.97
CA ARG A 149 18.87 -11.66 8.33
C ARG A 149 19.31 -11.88 6.89
N THR A 150 19.23 -13.11 6.42
CA THR A 150 19.61 -13.44 5.05
C THR A 150 18.41 -14.00 4.28
N GLU A 151 17.28 -14.13 4.97
CA GLU A 151 16.09 -14.74 4.38
C GLU A 151 14.87 -13.82 4.43
N TYR A 152 15.03 -12.64 5.00
CA TYR A 152 13.89 -11.74 5.17
C TYR A 152 13.40 -11.16 3.85
N THR A 153 14.27 -11.12 2.85
CA THR A 153 13.91 -10.62 1.53
C THR A 153 13.32 -11.73 0.67
N ILE A 154 12.88 -11.35 -0.53
CA ILE A 154 12.35 -12.31 -1.50
C ILE A 154 12.79 -11.89 -2.90
N ASP A 155 12.90 -12.86 -3.80
CA ASP A 155 13.40 -12.58 -5.15
C ASP A 155 12.49 -11.60 -5.90
N LEU A 156 13.03 -10.43 -6.21
CA LEU A 156 12.25 -9.38 -6.85
C LEU A 156 12.49 -9.27 -8.35
N SER A 157 13.55 -9.92 -8.84
CA SER A 157 13.85 -9.91 -10.26
C SER A 157 12.65 -10.39 -11.06
N ASP A 158 11.74 -11.08 -10.38
CA ASP A 158 10.53 -11.60 -10.99
C ASP A 158 9.59 -10.45 -11.37
N PHE A 159 9.40 -9.50 -10.46
CA PHE A 159 8.46 -8.41 -10.66
C PHE A 159 9.07 -7.26 -11.46
N GLN A 160 10.23 -7.49 -12.06
CA GLN A 160 10.90 -6.46 -12.85
C GLN A 160 10.33 -6.42 -14.26
N ASN A 161 9.60 -7.46 -14.63
CA ASN A 161 8.97 -7.54 -15.94
C ASN A 161 7.58 -6.91 -15.92
N THR A 162 7.35 -5.98 -16.84
CA THR A 162 6.06 -5.29 -16.91
C THR A 162 4.93 -6.23 -17.27
N GLU A 163 5.17 -7.06 -18.30
CA GLU A 163 4.17 -8.02 -18.75
C GLU A 163 3.87 -9.05 -17.66
N ARG A 164 4.85 -9.30 -16.80
CA ARG A 164 4.67 -10.19 -15.66
C ARG A 164 3.66 -9.58 -14.69
N LEU A 165 3.88 -8.32 -14.32
CA LEU A 165 2.96 -7.62 -13.43
C LEU A 165 1.57 -7.50 -14.05
N LYS A 166 1.54 -7.18 -15.35
CA LYS A 166 0.28 -7.11 -16.08
C LYS A 166 -0.49 -8.41 -15.94
N PHE A 167 0.24 -9.53 -15.97
CA PHE A 167 -0.36 -10.85 -15.84
C PHE A 167 -0.99 -11.04 -14.46
N LEU A 168 -0.20 -10.79 -13.41
CA LEU A 168 -0.69 -10.92 -12.04
C LEU A 168 -1.96 -10.10 -11.81
N GLU A 169 -1.91 -8.85 -12.25
CA GLU A 169 -3.05 -7.94 -12.07
C GLU A 169 -4.30 -8.49 -12.74
N GLU A 170 -4.14 -9.04 -13.94
CA GLU A 170 -5.27 -9.59 -14.69
C GLU A 170 -5.79 -10.86 -14.04
N TYR A 171 -4.88 -11.66 -13.49
CA TYR A 171 -5.25 -12.87 -12.78
C TYR A 171 -5.97 -12.50 -11.49
N TYR A 172 -5.49 -11.44 -10.85
CA TYR A 172 -6.07 -10.93 -9.62
C TYR A 172 -7.55 -10.59 -9.78
N TRP A 173 -7.87 -9.85 -10.84
CA TRP A 173 -9.26 -9.49 -11.11
C TRP A 173 -10.08 -10.68 -11.59
N LYS A 174 -9.44 -11.58 -12.33
CA LYS A 174 -10.13 -12.77 -12.82
C LYS A 174 -10.48 -13.74 -11.70
N THR A 175 -9.60 -13.82 -10.70
CA THR A 175 -9.81 -14.72 -9.57
C THR A 175 -9.64 -13.98 -8.25
N LEU A 176 -10.68 -13.24 -7.86
CA LEU A 176 -10.64 -12.51 -6.59
C LEU A 176 -11.52 -13.22 -5.56
N ASN A 177 -12.57 -13.87 -6.04
CA ASN A 177 -13.53 -14.53 -5.18
C ASN A 177 -13.28 -16.02 -5.04
N PHE A 178 -12.10 -16.46 -5.49
CA PHE A 178 -11.72 -17.87 -5.41
C PHE A 178 -10.72 -18.10 -4.28
N THR A 179 -10.39 -17.05 -3.56
CA THR A 179 -9.40 -17.13 -2.49
C THR A 179 -9.77 -16.23 -1.31
N THR A 180 -9.24 -16.55 -0.14
CA THR A 180 -9.43 -15.72 1.04
C THR A 180 -8.10 -15.10 1.46
N PRO A 181 -7.67 -14.04 0.76
CA PRO A 181 -6.40 -13.37 1.04
C PRO A 181 -6.26 -13.00 2.51
N MET A 182 -5.04 -12.86 2.99
CA MET A 182 -4.80 -12.49 4.38
C MET A 182 -3.81 -11.34 4.49
N TYR A 183 -4.24 -10.25 5.12
CA TYR A 183 -3.43 -9.05 5.27
C TYR A 183 -2.80 -9.01 6.66
N GLY A 184 -1.74 -8.24 6.79
CA GLY A 184 -1.14 -7.99 8.09
C GLY A 184 -1.60 -6.65 8.61
N ALA A 185 -2.90 -6.55 8.86
CA ALA A 185 -3.54 -5.30 9.25
C ALA A 185 -2.68 -4.42 10.15
N ASP A 186 -2.85 -3.10 10.01
CA ASP A 186 -2.06 -2.11 10.72
C ASP A 186 -1.62 -2.53 12.13
N THR A 187 -0.37 -2.23 12.45
CA THR A 187 0.15 -2.46 13.79
C THR A 187 1.24 -1.44 14.09
N PRO A 188 1.05 -0.65 15.17
CA PRO A 188 2.00 0.38 15.55
C PRO A 188 3.44 -0.12 15.58
N GLY A 189 4.38 0.74 15.21
CA GLY A 189 5.78 0.38 15.17
C GLY A 189 6.50 0.97 13.98
N SER A 190 7.79 0.68 13.87
CA SER A 190 8.60 1.16 12.75
C SER A 190 9.93 0.41 12.70
N ILE A 191 10.53 0.38 11.51
CA ILE A 191 11.85 -0.24 11.35
C ILE A 191 12.88 0.75 10.84
N PHE A 192 12.49 2.01 10.71
CA PHE A 192 13.42 3.05 10.29
C PHE A 192 14.45 3.31 11.38
N PRO A 193 15.71 3.53 10.97
CA PRO A 193 16.80 3.80 11.90
C PRO A 193 16.40 4.81 12.96
N GLU A 194 16.58 4.46 14.23
CA GLU A 194 16.16 5.33 15.31
C GLU A 194 16.80 6.71 15.17
N GLY A 195 18.10 6.73 14.90
CA GLY A 195 18.83 7.97 14.74
C GLY A 195 18.50 8.69 13.45
N LEU A 196 17.51 8.19 12.73
CA LEU A 196 17.11 8.79 11.46
C LEU A 196 16.02 9.83 11.66
N ASN A 197 16.33 11.08 11.32
CA ASN A 197 15.37 12.19 11.48
C ASN A 197 14.89 12.72 10.14
N VAL A 198 15.67 12.48 9.10
CA VAL A 198 15.31 12.91 7.76
C VAL A 198 14.27 11.96 7.17
N TRP A 199 13.13 12.52 6.74
CA TRP A 199 12.06 11.72 6.17
C TRP A 199 11.63 10.55 7.05
N ASN A 200 11.85 10.70 8.34
CA ASN A 200 11.48 9.66 9.29
C ASN A 200 9.97 9.51 9.38
N VAL A 201 9.41 8.62 8.56
CA VAL A 201 7.98 8.38 8.54
C VAL A 201 7.47 8.05 9.94
N ALA A 202 8.33 7.47 10.76
CA ALA A 202 7.98 7.12 12.14
C ALA A 202 7.89 8.36 13.02
N LYS A 203 8.84 9.28 12.82
CA LYS A 203 8.87 10.53 13.59
C LYS A 203 9.14 11.72 12.66
N LEU A 204 8.08 12.46 12.32
CA LEU A 204 8.21 13.66 11.49
C LEU A 204 7.99 14.92 12.30
N PRO A 205 8.82 15.95 12.06
CA PRO A 205 8.70 17.27 12.69
C PRO A 205 7.38 17.94 12.29
N ASP A 220 3.76 7.31 15.42
CA ASP A 220 2.42 7.22 14.84
C ASP A 220 2.42 6.31 13.62
N SER A 221 3.54 5.63 13.38
CA SER A 221 3.68 4.77 12.20
C SER A 221 3.10 3.38 12.40
N TYR A 222 2.59 2.80 11.32
CA TYR A 222 2.01 1.46 11.36
C TYR A 222 2.68 0.56 10.32
N LEU A 223 2.65 -0.74 10.54
CA LEU A 223 3.23 -1.70 9.61
C LEU A 223 2.20 -2.66 9.02
N TYR A 224 2.13 -2.70 7.70
CA TYR A 224 1.30 -3.68 7.01
C TYR A 224 2.14 -4.88 6.64
N ALA A 225 1.53 -6.06 6.66
CA ALA A 225 2.21 -7.27 6.22
C ALA A 225 1.56 -7.78 4.93
N GLY A 226 2.19 -7.46 3.80
CA GLY A 226 1.66 -7.83 2.51
C GLY A 226 1.67 -9.32 2.25
N LEU A 227 0.69 -9.77 1.47
CA LEU A 227 0.59 -11.17 1.09
C LEU A 227 -0.18 -11.25 -0.23
N TRP A 228 0.35 -12.04 -1.16
CA TRP A 228 -0.21 -12.11 -2.52
C TRP A 228 -1.74 -12.07 -2.55
N LYS A 229 -2.27 -11.07 -3.24
CA LYS A 229 -3.72 -10.88 -3.43
C LYS A 229 -4.41 -10.11 -2.31
N ALA A 230 -3.70 -9.87 -1.21
CA ALA A 230 -4.24 -9.04 -0.13
C ALA A 230 -4.59 -7.67 -0.70
N SER A 231 -5.83 -7.24 -0.49
CA SER A 231 -6.31 -6.02 -1.12
C SER A 231 -6.78 -4.98 -0.13
N PHE A 232 -6.57 -3.71 -0.45
CA PHE A 232 -7.15 -2.61 0.31
C PHE A 232 -8.17 -1.84 -0.53
N SER A 233 -9.44 -1.92 -0.12
CA SER A 233 -10.55 -1.38 -0.89
C SER A 233 -10.51 0.13 -1.07
N TRP A 234 -11.58 0.67 -1.65
CA TRP A 234 -11.68 2.10 -1.91
C TRP A 234 -12.00 2.90 -0.65
N HIS A 235 -11.24 3.96 -0.43
CA HIS A 235 -11.42 4.80 0.74
C HIS A 235 -10.60 6.08 0.64
N LEU A 236 -10.91 7.04 1.50
CA LEU A 236 -10.10 8.24 1.64
C LEU A 236 -9.72 8.44 3.10
N GLU A 237 -8.43 8.67 3.34
CA GLU A 237 -7.90 8.80 4.70
C GLU A 237 -8.84 9.57 5.61
N ASP A 238 -8.93 9.12 6.87
CA ASP A 238 -9.80 9.76 7.85
C ASP A 238 -9.44 11.24 8.00
N GLN A 239 -10.45 12.07 8.25
CA GLN A 239 -10.25 13.50 8.37
C GLN A 239 -9.72 14.07 7.04
N ASP A 240 -9.69 13.22 6.02
CA ASP A 240 -9.18 13.59 4.70
C ASP A 240 -7.80 14.24 4.79
N LEU A 241 -6.85 13.51 5.36
CA LEU A 241 -5.49 14.00 5.50
C LEU A 241 -4.59 13.35 4.44
N TYR A 242 -3.29 13.62 4.55
CA TYR A 242 -2.31 12.98 3.68
C TYR A 242 -1.82 11.69 4.33
N SER A 243 -0.94 10.99 3.64
CA SER A 243 -0.31 9.80 4.20
C SER A 243 0.84 9.33 3.33
N ILE A 244 1.91 8.87 3.96
CA ILE A 244 3.04 8.30 3.25
C ILE A 244 3.06 6.80 3.43
N ASN A 245 3.20 6.07 2.34
CA ASN A 245 3.32 4.62 2.42
C ASN A 245 4.65 4.16 1.83
N TYR A 246 5.46 3.53 2.67
CA TYR A 246 6.78 3.08 2.24
C TYR A 246 6.91 1.56 2.34
N ILE A 247 7.34 0.94 1.24
CA ILE A 247 7.57 -0.50 1.21
C ILE A 247 9.02 -0.80 1.59
N HIS A 248 9.23 -1.21 2.83
CA HIS A 248 10.57 -1.52 3.33
C HIS A 248 11.22 -2.63 2.52
N PHE A 249 10.46 -3.71 2.30
CA PHE A 249 10.96 -4.83 1.50
C PHE A 249 9.83 -5.74 1.04
N GLY A 250 10.11 -6.58 0.05
CA GLY A 250 9.14 -7.52 -0.45
C GLY A 250 8.56 -7.14 -1.80
N ALA A 251 7.50 -7.85 -2.19
CA ALA A 251 6.84 -7.62 -3.47
C ALA A 251 6.25 -6.21 -3.55
N PRO A 252 6.01 -5.72 -4.77
CA PRO A 252 5.44 -4.39 -4.97
C PRO A 252 3.94 -4.36 -4.68
N LYS A 253 3.39 -3.15 -4.57
CA LYS A 253 1.96 -2.96 -4.40
C LYS A 253 1.35 -2.39 -5.67
N GLN A 254 0.08 -2.71 -5.91
CA GLN A 254 -0.66 -2.11 -7.01
C GLN A 254 -1.52 -0.99 -6.47
N TRP A 255 -1.49 0.17 -7.12
CA TRP A 255 -2.23 1.33 -6.64
C TRP A 255 -3.20 1.87 -7.69
N TYR A 256 -4.41 2.20 -7.24
CA TYR A 256 -5.39 2.87 -8.08
C TYR A 256 -5.87 4.12 -7.35
N SER A 257 -5.99 5.22 -8.08
CA SER A 257 -6.43 6.47 -7.47
C SER A 257 -7.37 7.22 -8.41
N ILE A 258 -8.41 7.82 -7.84
CA ILE A 258 -9.36 8.61 -8.61
C ILE A 258 -8.98 10.08 -8.54
N PRO A 259 -8.78 10.71 -9.71
CA PRO A 259 -8.50 12.15 -9.74
C PRO A 259 -9.56 12.92 -8.98
N GLN A 260 -9.15 13.86 -8.13
CA GLN A 260 -10.10 14.60 -7.30
C GLN A 260 -11.28 15.13 -8.09
N GLU A 261 -11.07 15.48 -9.36
CA GLU A 261 -12.13 16.02 -10.20
C GLU A 261 -13.26 15.01 -10.38
N ASP A 262 -12.93 13.73 -10.35
CA ASP A 262 -13.90 12.67 -10.61
C ASP A 262 -14.47 12.05 -9.32
N ARG A 263 -14.08 12.60 -8.18
CA ARG A 263 -14.49 12.03 -6.90
C ARG A 263 -16.00 12.09 -6.70
N PHE A 264 -16.69 12.85 -7.54
CA PHE A 264 -18.15 12.93 -7.48
C PHE A 264 -18.80 11.96 -8.47
N LYS A 265 -18.23 11.83 -9.65
CA LYS A 265 -18.68 10.81 -10.60
C LYS A 265 -18.52 9.45 -9.95
N PHE A 266 -17.34 9.23 -9.39
CA PHE A 266 -17.02 8.00 -8.69
C PHE A 266 -18.01 7.74 -7.56
N TYR A 267 -18.30 8.79 -6.79
CA TYR A 267 -19.22 8.68 -5.67
C TYR A 267 -20.61 8.23 -6.14
N LYS A 268 -21.16 8.95 -7.12
CA LYS A 268 -22.48 8.61 -7.65
C LYS A 268 -22.54 7.19 -8.22
N PHE A 269 -21.54 6.83 -9.02
CA PHE A 269 -21.48 5.50 -9.62
C PHE A 269 -21.53 4.41 -8.55
N MET A 270 -20.95 4.69 -7.39
CA MET A 270 -20.96 3.75 -6.29
C MET A 270 -22.32 3.73 -5.59
N GLN A 271 -23.09 4.79 -5.76
CA GLN A 271 -24.46 4.84 -5.27
C GLN A 271 -25.36 4.02 -6.18
N GLU A 272 -24.98 3.96 -7.46
CA GLU A 272 -25.67 3.13 -8.43
C GLU A 272 -25.71 1.70 -7.91
N GLN A 273 -24.62 0.97 -8.12
CA GLN A 273 -24.48 -0.35 -7.52
C GLN A 273 -24.55 -0.22 -6.00
N PHE A 274 -25.08 -1.23 -5.34
CA PHE A 274 -25.27 -1.20 -3.90
C PHE A 274 -26.20 -0.07 -3.49
N PRO A 275 -27.41 -0.02 -4.07
CA PRO A 275 -28.38 1.04 -3.75
C PRO A 275 -28.89 0.91 -2.32
N GLU A 276 -28.85 -0.31 -1.78
CA GLU A 276 -29.33 -0.57 -0.43
C GLU A 276 -28.60 0.33 0.58
N GLU A 277 -27.30 0.53 0.35
CA GLU A 277 -26.49 1.36 1.23
C GLU A 277 -26.70 2.84 0.94
N ALA A 278 -27.13 3.14 -0.28
CA ALA A 278 -27.38 4.51 -0.69
C ALA A 278 -28.50 5.13 0.15
N LYS A 279 -29.13 4.31 0.99
CA LYS A 279 -30.20 4.75 1.86
C LYS A 279 -29.66 5.21 3.21
N ASN A 280 -29.47 4.23 4.10
CA ASN A 280 -29.05 4.50 5.48
C ASN A 280 -27.59 4.86 5.64
N CYS A 281 -26.94 5.30 4.57
CA CYS A 281 -25.52 5.66 4.64
C CYS A 281 -25.17 6.95 3.92
N PRO A 282 -24.58 7.91 4.65
CA PRO A 282 -24.06 9.15 4.10
C PRO A 282 -22.62 8.96 3.63
N GLU A 283 -21.95 7.96 4.18
CA GLU A 283 -20.56 7.64 3.83
C GLU A 283 -20.31 6.16 4.01
N PHE A 284 -20.57 5.36 2.96
CA PHE A 284 -20.36 3.92 3.05
C PHE A 284 -19.06 3.46 2.39
N LEU A 285 -18.41 4.35 1.65
CA LEU A 285 -17.11 4.04 1.08
C LEU A 285 -16.06 4.03 2.19
N ARG A 286 -16.47 4.54 3.35
CA ARG A 286 -15.62 4.58 4.53
C ARG A 286 -16.29 3.82 5.66
N HIS A 287 -17.33 3.07 5.30
CA HIS A 287 -18.06 2.24 6.25
C HIS A 287 -17.90 0.76 5.89
N LYS A 288 -18.18 0.42 4.63
CA LYS A 288 -17.99 -0.93 4.14
C LYS A 288 -16.83 -1.00 3.14
N MET A 289 -16.36 -2.20 2.86
CA MET A 289 -15.23 -2.40 1.97
C MET A 289 -15.68 -2.74 0.55
N PHE A 290 -15.24 -1.94 -0.42
CA PHE A 290 -15.65 -2.14 -1.81
C PHE A 290 -14.47 -2.12 -2.77
N LEU A 291 -14.43 -3.11 -3.67
CA LEU A 291 -13.41 -3.18 -4.71
C LEU A 291 -14.01 -2.91 -6.08
N ALA A 292 -13.32 -2.12 -6.89
CA ALA A 292 -13.79 -1.80 -8.24
C ALA A 292 -12.62 -1.72 -9.21
N SER A 293 -12.70 -2.48 -10.29
CA SER A 293 -11.63 -2.54 -11.28
C SER A 293 -11.54 -1.24 -12.09
N PRO A 294 -10.33 -0.86 -12.49
CA PRO A 294 -10.12 0.32 -13.32
C PRO A 294 -10.84 0.17 -14.65
N LYS A 295 -10.51 -0.90 -15.37
CA LYS A 295 -11.13 -1.20 -16.66
C LYS A 295 -12.63 -0.92 -16.65
N LEU A 296 -13.27 -1.22 -15.52
CA LEU A 296 -14.71 -0.96 -15.36
C LEU A 296 -14.99 0.53 -15.21
N LEU A 297 -14.31 1.16 -14.27
CA LEU A 297 -14.48 2.59 -14.02
C LEU A 297 -14.20 3.40 -15.29
N GLN A 298 -13.10 3.07 -15.97
CA GLN A 298 -12.74 3.73 -17.22
C GLN A 298 -13.96 3.80 -18.14
N GLU A 299 -14.59 2.65 -18.34
CA GLU A 299 -15.77 2.57 -19.20
C GLU A 299 -17.04 2.96 -18.45
N ASN A 300 -16.96 4.07 -17.71
CA ASN A 300 -18.10 4.63 -17.00
C ASN A 300 -17.92 6.13 -16.78
N GLY A 301 -17.00 6.73 -17.53
CA GLY A 301 -16.74 8.15 -17.44
C GLY A 301 -15.92 8.53 -16.22
N ILE A 302 -15.39 7.52 -15.53
CA ILE A 302 -14.61 7.76 -14.33
C ILE A 302 -13.14 7.38 -14.54
N ARG A 303 -12.30 8.40 -14.68
CA ARG A 303 -10.86 8.18 -14.85
C ARG A 303 -10.29 7.50 -13.61
N CYS A 304 -9.31 6.62 -13.83
CA CYS A 304 -8.67 5.91 -12.72
C CYS A 304 -7.18 5.74 -12.98
N ASN A 305 -6.36 6.33 -12.11
CA ASN A 305 -4.91 6.21 -12.23
C ASN A 305 -4.41 4.87 -11.68
N GLU A 306 -3.36 4.35 -12.30
CA GLU A 306 -2.77 3.08 -11.87
C GLU A 306 -1.24 3.14 -11.91
N ILE A 307 -0.62 2.67 -10.84
CA ILE A 307 0.83 2.69 -10.73
C ILE A 307 1.29 1.52 -9.87
N VAL A 308 2.53 1.07 -10.08
CA VAL A 308 3.08 -0.02 -9.28
C VAL A 308 4.08 0.51 -8.26
N HIS A 309 3.76 0.32 -6.98
CA HIS A 309 4.60 0.80 -5.88
C HIS A 309 5.65 -0.25 -5.53
N HIS A 310 6.92 0.11 -5.69
CA HIS A 310 8.00 -0.86 -5.49
C HIS A 310 8.73 -0.71 -4.16
N GLU A 311 9.56 -1.69 -3.85
CA GLU A 311 10.39 -1.69 -2.64
C GLU A 311 11.32 -0.49 -2.63
N GLY A 312 11.30 0.26 -1.51
CA GLY A 312 12.17 1.40 -1.35
C GLY A 312 11.60 2.70 -1.87
N GLU A 313 10.35 2.66 -2.31
CA GLU A 313 9.70 3.86 -2.86
C GLU A 313 8.65 4.41 -1.90
N PHE A 314 8.32 5.69 -2.07
CA PHE A 314 7.30 6.33 -1.25
C PHE A 314 6.05 6.64 -2.08
N MET A 315 4.89 6.41 -1.49
CA MET A 315 3.62 6.83 -2.08
C MET A 315 2.96 7.83 -1.14
N ILE A 316 2.40 8.89 -1.71
CA ILE A 316 1.73 9.91 -0.90
C ILE A 316 0.28 10.10 -1.33
N THR A 317 -0.64 9.70 -0.47
CA THR A 317 -2.06 9.85 -0.75
C THR A 317 -2.50 11.27 -0.38
N TYR A 318 -3.28 11.89 -1.25
CA TYR A 318 -3.73 13.27 -1.03
C TYR A 318 -5.20 13.33 -0.64
N PRO A 319 -5.60 14.42 0.03
CA PRO A 319 -6.97 14.62 0.50
C PRO A 319 -7.99 14.56 -0.65
N TYR A 320 -9.07 13.81 -0.44
CA TYR A 320 -10.12 13.68 -1.44
C TYR A 320 -9.66 12.91 -2.67
N GLY A 321 -8.60 12.13 -2.51
CA GLY A 321 -8.09 11.30 -3.58
C GLY A 321 -8.32 9.84 -3.29
N TYR A 322 -9.48 9.33 -3.67
CA TYR A 322 -9.81 7.93 -3.46
C TYR A 322 -8.73 7.01 -3.98
N HIS A 323 -8.37 6.01 -3.19
CA HIS A 323 -7.33 5.07 -3.58
C HIS A 323 -7.61 3.65 -3.10
N ALA A 324 -7.10 2.68 -3.86
CA ALA A 324 -7.25 1.27 -3.53
C ALA A 324 -6.26 0.45 -4.33
N GLY A 325 -6.13 -0.83 -3.99
CA GLY A 325 -5.21 -1.70 -4.70
C GLY A 325 -5.02 -3.04 -4.02
N PHE A 326 -3.86 -3.67 -4.27
CA PHE A 326 -3.57 -4.98 -3.70
C PHE A 326 -2.07 -5.23 -3.66
N ASN A 327 -1.66 -6.28 -2.96
CA ASN A 327 -0.26 -6.65 -2.86
C ASN A 327 0.11 -7.75 -3.85
N TYR A 328 1.33 -7.72 -4.34
CA TYR A 328 1.82 -8.74 -5.25
C TYR A 328 2.54 -9.85 -4.49
N GLY A 329 2.43 -9.82 -3.17
CA GLY A 329 3.02 -10.85 -2.34
C GLY A 329 3.68 -10.36 -1.06
N TYR A 330 4.44 -11.25 -0.44
CA TYR A 330 5.15 -10.97 0.81
C TYR A 330 5.85 -9.61 0.80
N ASN A 331 5.53 -8.77 1.79
CA ASN A 331 6.20 -7.49 1.96
C ASN A 331 5.89 -6.85 3.31
N LEU A 332 6.72 -5.90 3.71
CA LEU A 332 6.48 -5.13 4.93
C LEU A 332 6.47 -3.64 4.62
N ALA A 333 5.36 -2.98 4.90
CA ALA A 333 5.21 -1.56 4.60
C ALA A 333 4.93 -0.74 5.86
N GLU A 334 5.32 0.53 5.81
CA GLU A 334 5.11 1.44 6.95
C GLU A 334 4.46 2.72 6.46
N SER A 335 3.44 3.19 7.18
CA SER A 335 2.70 4.38 6.75
C SER A 335 2.17 5.21 7.92
N VAL A 336 2.12 6.52 7.70
CA VAL A 336 1.54 7.44 8.67
C VAL A 336 0.63 8.44 7.97
N ASN A 337 -0.20 9.11 8.76
CA ASN A 337 -1.07 10.16 8.25
C ASN A 337 -0.65 11.51 8.80
N PHE A 338 -0.48 12.50 7.92
CA PHE A 338 -0.04 13.82 8.33
C PHE A 338 -0.87 14.94 7.73
N ALA A 339 -0.50 16.17 8.04
CA ALA A 339 -1.19 17.35 7.52
C ALA A 339 -0.16 18.44 7.21
N LEU A 340 -0.49 19.29 6.23
CA LEU A 340 0.42 20.36 5.83
C LEU A 340 -0.05 21.71 6.34
N GLU A 341 -1.36 21.91 6.39
CA GLU A 341 -1.94 23.15 6.87
C GLU A 341 -1.71 23.32 8.37
#